data_8UFO
#
_entry.id   8UFO
#
_cell.length_a   109.616
_cell.length_b   82.559
_cell.length_c   61.120
_cell.angle_alpha   90.000
_cell.angle_beta   102.710
_cell.angle_gamma   90.000
#
_symmetry.space_group_name_H-M   'C 1 2 1'
#
loop_
_entity.id
_entity.type
_entity.pdbx_description
1 polymer 'Capsid polyprotein VP90'
2 water water
#
_entity_poly.entity_id   1
_entity_poly.type   'polypeptide(L)'
_entity_poly.pdbx_seq_one_letter_code
;MGPIPPTGVPVGDFFVCGRMTTLHMGGQSGIQATTLVNGMIYRTDHPEPSTSPVSNWEFTVLENNTIVGAGMGCVWFQKS
EALVWTLDGQKLSGWNTLDGVGTTQLTVAWRQHNRTIYGWANVVAWNSEEWHTNAEQPHQPILRLTYWLVKINVLSEPED
FDVVQKSPLAYLEDYTTAQSKSAIQKLNFQTFQKPEGGGTLRAQYSTTPRQGDFAVIWQIGRHNFDMSTGKGTPVESLSD
YVMPQQKDAHIGMWYRALTSVGPRTDVLTLHFHLPTVEKAAAELALVPR
;
_entity_poly.pdbx_strand_id   A,C
#
# COMPACT_ATOMS: atom_id res chain seq x y z
N MET A 1 -24.94 5.52 -22.64
CA MET A 1 -24.77 4.08 -22.82
C MET A 1 -25.22 3.32 -21.57
N GLY A 2 -25.90 2.19 -21.76
CA GLY A 2 -26.27 1.31 -20.67
C GLY A 2 -25.05 0.58 -20.13
N PRO A 3 -25.18 -0.13 -19.01
CA PRO A 3 -23.99 -0.71 -18.37
C PRO A 3 -23.32 -1.75 -19.24
N ILE A 4 -21.99 -1.71 -19.26
CA ILE A 4 -21.18 -2.50 -20.19
C ILE A 4 -20.61 -3.70 -19.44
N PRO A 5 -20.94 -4.92 -19.84
CA PRO A 5 -20.32 -6.07 -19.17
C PRO A 5 -18.86 -6.19 -19.56
N PRO A 6 -18.02 -6.76 -18.68
CA PRO A 6 -16.63 -7.01 -19.07
C PRO A 6 -16.61 -7.93 -20.28
N THR A 7 -15.84 -7.53 -21.28
CA THR A 7 -15.95 -8.14 -22.60
C THR A 7 -14.58 -8.07 -23.27
N GLY A 8 -14.06 -9.23 -23.66
CA GLY A 8 -12.83 -9.27 -24.43
C GLY A 8 -11.58 -9.16 -23.59
N VAL A 9 -10.48 -9.72 -24.10
CA VAL A 9 -9.20 -9.66 -23.41
C VAL A 9 -8.63 -8.26 -23.62
N PRO A 10 -7.81 -7.76 -22.71
CA PRO A 10 -7.21 -6.44 -22.91
C PRO A 10 -6.32 -6.43 -24.14
N VAL A 11 -6.34 -5.31 -24.85
CA VAL A 11 -5.45 -5.06 -25.97
C VAL A 11 -4.54 -3.92 -25.57
N GLY A 12 -3.24 -4.17 -25.56
CA GLY A 12 -2.30 -3.16 -25.12
C GLY A 12 -2.25 -3.10 -23.61
N ASP A 13 -1.49 -2.10 -23.14
CA ASP A 13 -1.28 -1.92 -21.70
C ASP A 13 -2.61 -1.79 -20.97
N PHE A 14 -2.72 -2.46 -19.82
CA PHE A 14 -4.00 -2.59 -19.15
C PHE A 14 -3.86 -2.52 -17.64
N PHE A 15 -4.98 -2.18 -16.99
CA PHE A 15 -5.09 -2.10 -15.54
C PHE A 15 -5.86 -3.29 -14.99
N VAL A 16 -5.50 -3.68 -13.77
CA VAL A 16 -6.24 -4.66 -12.98
C VAL A 16 -6.44 -4.09 -11.59
N CYS A 17 -7.69 -4.05 -11.14
CA CYS A 17 -8.03 -3.58 -9.80
C CYS A 17 -8.84 -4.66 -9.10
N GLY A 18 -8.37 -5.13 -7.95
CA GLY A 18 -9.15 -6.12 -7.24
C GLY A 18 -8.52 -6.40 -5.91
N ARG A 19 -9.27 -7.14 -5.09
CA ARG A 19 -8.75 -7.57 -3.79
C ARG A 19 -7.72 -8.66 -4.03
N MET A 20 -6.53 -8.47 -3.50
CA MET A 20 -5.46 -9.43 -3.71
C MET A 20 -4.92 -9.96 -2.38
N THR A 21 -4.85 -11.28 -2.27
CA THR A 21 -4.60 -11.97 -1.01
C THR A 21 -3.13 -12.39 -0.91
N THR A 22 -2.51 -12.05 0.22
CA THR A 22 -1.12 -12.40 0.48
C THR A 22 -0.98 -13.90 0.59
N LEU A 23 0.01 -14.46 -0.12
CA LEU A 23 0.16 -15.91 -0.18
C LEU A 23 0.50 -16.52 1.19
N HIS A 24 1.39 -15.89 1.95
CA HIS A 24 1.68 -16.34 3.32
C HIS A 24 1.95 -15.16 4.23
N MET A 25 1.56 -15.33 5.48
CA MET A 25 1.74 -14.37 6.57
C MET A 25 2.82 -14.90 7.51
N GLY A 26 3.54 -13.97 8.15
CA GLY A 26 4.69 -14.35 8.97
C GLY A 26 4.27 -14.74 10.37
N GLY A 27 4.58 -15.97 10.76
CA GLY A 27 4.03 -16.48 11.99
C GLY A 27 4.95 -17.29 12.88
N GLN A 28 4.31 -18.08 13.75
CA GLN A 28 4.97 -18.94 14.71
C GLN A 28 3.96 -20.05 14.98
N SER A 29 4.45 -21.30 15.04
CA SER A 29 3.55 -22.43 15.18
C SER A 29 2.57 -22.21 16.33
N GLY A 30 1.27 -22.33 16.03
CA GLY A 30 0.24 -22.21 17.03
C GLY A 30 -0.38 -20.82 17.17
N ILE A 31 0.18 -19.81 16.50
CA ILE A 31 -0.32 -18.44 16.59
C ILE A 31 -0.76 -18.01 15.19
N GLN A 32 -1.99 -17.55 15.08
CA GLN A 32 -2.49 -17.06 13.81
C GLN A 32 -1.69 -15.83 13.40
N ALA A 33 -1.15 -15.85 12.18
CA ALA A 33 -0.26 -14.79 11.69
C ALA A 33 -1.08 -13.72 10.97
N THR A 34 -1.41 -12.63 11.68
CA THR A 34 -2.46 -11.73 11.21
C THR A 34 -1.96 -10.40 10.64
N THR A 35 -0.70 -10.01 10.87
CA THR A 35 -0.26 -8.69 10.43
C THR A 35 1.03 -8.64 9.61
N LEU A 36 1.89 -9.65 9.68
CA LEU A 36 3.20 -9.56 9.01
C LEU A 36 3.04 -9.98 7.56
N VAL A 37 2.73 -9.01 6.69
CA VAL A 37 2.37 -9.30 5.31
C VAL A 37 3.55 -9.35 4.35
N ASN A 38 4.73 -8.94 4.78
CA ASN A 38 5.89 -8.90 3.91
C ASN A 38 7.05 -9.70 4.48
N GLY A 39 6.76 -10.89 4.99
CA GLY A 39 7.85 -11.80 5.27
C GLY A 39 8.30 -12.42 3.98
N MET A 40 9.49 -12.09 3.52
CA MET A 40 9.98 -12.59 2.24
C MET A 40 11.05 -13.66 2.44
N ILE A 41 10.70 -14.88 2.02
CA ILE A 41 11.52 -16.06 2.28
C ILE A 41 12.86 -15.93 1.56
N TYR A 42 13.96 -16.01 2.31
CA TYR A 42 15.30 -15.78 1.77
C TYR A 42 16.15 -17.01 2.06
N ARG A 43 16.58 -17.69 0.99
CA ARG A 43 17.33 -18.95 1.09
CA ARG A 43 17.31 -18.95 1.09
C ARG A 43 18.45 -18.90 0.06
N THR A 44 19.69 -18.69 0.52
CA THR A 44 20.82 -18.61 -0.39
C THR A 44 21.38 -19.97 -0.77
N ASP A 45 20.91 -21.03 -0.12
CA ASP A 45 21.35 -22.38 -0.42
C ASP A 45 20.54 -22.90 -1.60
N HIS A 46 21.22 -23.11 -2.73
CA HIS A 46 20.56 -23.59 -3.94
C HIS A 46 20.09 -25.03 -3.71
N PRO A 47 18.91 -25.40 -4.19
CA PRO A 47 18.47 -26.80 -4.04
C PRO A 47 19.44 -27.72 -4.77
N GLU A 48 19.77 -28.84 -4.15
CA GLU A 48 20.82 -29.65 -4.77
C GLU A 48 20.55 -31.14 -4.60
N PRO A 49 20.38 -31.89 -5.70
CA PRO A 49 20.43 -31.48 -7.12
C PRO A 49 19.29 -30.55 -7.50
N SER A 50 19.47 -29.74 -8.54
CA SER A 50 18.39 -28.95 -9.10
C SER A 50 18.48 -29.04 -10.61
N THR A 51 17.32 -29.00 -11.26
CA THR A 51 17.26 -29.06 -12.71
C THR A 51 17.19 -27.68 -13.35
N SER A 52 17.25 -26.62 -12.55
CA SER A 52 17.27 -25.27 -13.10
C SER A 52 18.03 -24.38 -12.15
N PRO A 53 18.51 -23.24 -12.61
CA PRO A 53 19.01 -22.23 -11.67
C PRO A 53 17.83 -21.67 -10.89
N VAL A 54 18.07 -21.36 -9.62
CA VAL A 54 17.03 -20.91 -8.70
C VAL A 54 17.51 -19.63 -8.02
N SER A 55 16.58 -18.70 -7.80
CA SER A 55 16.91 -17.45 -7.13
C SER A 55 17.04 -17.67 -5.62
N ASN A 56 17.41 -16.60 -4.91
CA ASN A 56 17.47 -16.64 -3.46
C ASN A 56 16.11 -16.45 -2.80
N TRP A 57 15.04 -16.34 -3.57
CA TRP A 57 13.72 -15.96 -3.10
C TRP A 57 12.71 -17.07 -3.42
N GLU A 58 11.46 -16.86 -3.00
CA GLU A 58 10.47 -17.93 -3.07
C GLU A 58 10.14 -18.28 -4.53
N PHE A 59 10.16 -17.31 -5.43
CA PHE A 59 9.82 -17.55 -6.83
C PHE A 59 10.99 -17.23 -7.74
N THR A 60 11.10 -17.99 -8.83
CA THR A 60 12.11 -17.75 -9.85
C THR A 60 11.38 -17.66 -11.19
N VAL A 61 11.64 -16.60 -11.94
CA VAL A 61 11.06 -16.46 -13.28
C VAL A 61 12.06 -17.03 -14.26
N LEU A 62 11.60 -17.93 -15.14
CA LEU A 62 12.49 -18.69 -16.00
C LEU A 62 12.09 -18.55 -17.46
N GLU A 63 13.10 -18.53 -18.33
CA GLU A 63 12.91 -18.70 -19.77
C GLU A 63 14.14 -19.40 -20.31
N ASN A 64 13.93 -20.41 -21.15
CA ASN A 64 15.01 -21.29 -21.59
C ASN A 64 15.77 -21.87 -20.40
N ASN A 65 15.04 -22.20 -19.33
CA ASN A 65 15.64 -22.76 -18.12
C ASN A 65 16.71 -21.84 -17.51
N THR A 66 16.55 -20.55 -17.72
CA THR A 66 17.50 -19.55 -17.26
C THR A 66 16.74 -18.48 -16.49
N ILE A 67 17.37 -17.97 -15.43
CA ILE A 67 16.70 -17.01 -14.56
C ILE A 67 16.57 -15.68 -15.27
N VAL A 68 15.34 -15.15 -15.30
CA VAL A 68 15.07 -13.82 -15.83
C VAL A 68 14.39 -12.92 -14.80
N GLY A 69 14.31 -13.36 -13.56
CA GLY A 69 13.72 -12.56 -12.51
C GLY A 69 13.50 -13.42 -11.28
N ALA A 70 13.05 -12.77 -10.22
CA ALA A 70 12.71 -13.47 -9.00
C ALA A 70 11.46 -12.84 -8.42
N GLY A 71 10.80 -13.60 -7.56
CA GLY A 71 9.65 -13.09 -6.83
C GLY A 71 9.87 -13.25 -5.35
N MET A 72 9.77 -12.15 -4.61
N MET A 72 9.74 -12.14 -4.63
CA MET A 72 9.86 -12.19 -3.16
CA MET A 72 9.89 -12.08 -3.19
C MET A 72 8.53 -11.93 -2.48
C MET A 72 8.55 -11.88 -2.50
N GLY A 73 7.52 -11.55 -3.25
CA GLY A 73 6.18 -11.41 -2.73
C GLY A 73 5.21 -11.97 -3.74
N CYS A 74 4.04 -12.37 -3.23
CA CYS A 74 2.97 -12.90 -4.07
C CYS A 74 1.62 -12.56 -3.47
N VAL A 75 0.76 -11.95 -4.28
CA VAL A 75 -0.64 -11.78 -3.94
C VAL A 75 -1.45 -12.43 -5.06
N TRP A 76 -2.59 -13.00 -4.68
CA TRP A 76 -3.37 -13.71 -5.71
C TRP A 76 -4.84 -13.31 -5.66
N PHE A 77 -5.55 -13.56 -6.75
CA PHE A 77 -6.96 -13.18 -6.84
C PHE A 77 -7.66 -14.08 -7.87
N GLN A 78 -8.99 -14.07 -7.80
CA GLN A 78 -9.78 -14.82 -8.81
C GLN A 78 -10.22 -13.81 -9.87
N LYS A 79 -10.20 -14.21 -11.12
CA LYS A 79 -10.51 -13.30 -12.25
C LYS A 79 -11.96 -12.80 -12.20
N SER A 80 -12.85 -13.59 -11.62
CA SER A 80 -14.25 -13.18 -11.58
C SER A 80 -14.47 -11.97 -10.69
N GLU A 81 -13.49 -11.60 -9.86
CA GLU A 81 -13.59 -10.49 -8.93
C GLU A 81 -12.50 -9.45 -9.16
N ALA A 82 -12.07 -9.29 -10.40
CA ALA A 82 -11.11 -8.25 -10.77
C ALA A 82 -11.71 -7.35 -11.84
N LEU A 83 -11.46 -6.06 -11.72
CA LEU A 83 -11.77 -5.11 -12.78
C LEU A 83 -10.55 -5.00 -13.70
N VAL A 84 -10.79 -5.02 -15.01
CA VAL A 84 -9.74 -4.96 -16.01
C VAL A 84 -10.14 -3.94 -17.06
N TRP A 85 -9.25 -2.98 -17.33
CA TRP A 85 -9.59 -1.96 -18.32
C TRP A 85 -8.35 -1.47 -19.04
N THR A 86 -8.57 -0.85 -20.20
CA THR A 86 -7.52 -0.14 -20.90
C THR A 86 -7.90 1.32 -21.10
N LEU A 87 -6.89 2.18 -21.20
CA LEU A 87 -7.05 3.61 -21.32
C LEU A 87 -6.39 4.14 -22.58
N ASP A 88 -6.96 5.22 -23.10
CA ASP A 88 -6.31 6.12 -24.06
C ASP A 88 -6.33 7.47 -23.36
N GLY A 89 -5.23 7.82 -22.69
CA GLY A 89 -5.26 8.97 -21.81
C GLY A 89 -6.17 8.70 -20.64
N GLN A 90 -7.16 9.56 -20.44
CA GLN A 90 -8.19 9.32 -19.43
C GLN A 90 -9.42 8.64 -20.01
N LYS A 91 -9.46 8.40 -21.32
CA LYS A 91 -10.62 7.81 -21.97
C LYS A 91 -10.55 6.29 -21.86
N LEU A 92 -11.72 5.66 -21.76
CA LEU A 92 -11.80 4.22 -21.57
C LEU A 92 -11.80 3.53 -22.93
N SER A 93 -10.77 2.74 -23.21
CA SER A 93 -10.69 2.05 -24.48
C SER A 93 -11.07 0.58 -24.40
N GLY A 94 -11.37 0.08 -23.20
CA GLY A 94 -11.77 -1.30 -23.05
C GLY A 94 -12.22 -1.59 -21.63
N TRP A 95 -13.29 -2.37 -21.50
CA TRP A 95 -13.76 -2.85 -20.21
C TRP A 95 -13.74 -4.36 -20.34
N ASN A 96 -12.71 -4.99 -19.78
CA ASN A 96 -12.26 -6.29 -20.27
C ASN A 96 -12.35 -7.36 -19.19
N THR A 97 -11.96 -8.56 -19.58
CA THR A 97 -11.86 -9.70 -18.69
C THR A 97 -10.49 -10.36 -18.90
N LEU A 98 -10.03 -11.08 -17.88
CA LEU A 98 -8.84 -11.91 -18.02
C LEU A 98 -9.16 -13.30 -18.56
N ASP A 99 -10.44 -13.64 -18.69
CA ASP A 99 -10.83 -14.91 -19.31
C ASP A 99 -10.24 -15.00 -20.71
N GLY A 100 -9.50 -16.07 -20.96
CA GLY A 100 -8.91 -16.32 -22.27
C GLY A 100 -7.73 -15.45 -22.62
N VAL A 101 -7.13 -14.75 -21.65
CA VAL A 101 -5.94 -13.96 -21.94
C VAL A 101 -4.81 -14.88 -22.36
N GLY A 102 -3.99 -14.40 -23.30
CA GLY A 102 -2.83 -15.16 -23.72
C GLY A 102 -1.73 -15.11 -22.69
N THR A 103 -0.85 -16.09 -22.78
CA THR A 103 0.30 -16.22 -21.89
C THR A 103 1.59 -16.19 -22.70
N THR A 104 2.67 -15.80 -22.04
CA THR A 104 4.00 -15.90 -22.63
C THR A 104 4.59 -17.26 -22.29
N GLN A 105 5.80 -17.50 -22.76
CA GLN A 105 6.52 -18.71 -22.40
C GLN A 105 7.43 -18.52 -21.19
N LEU A 106 7.40 -17.35 -20.55
CA LEU A 106 8.11 -17.15 -19.30
C LEU A 106 7.31 -17.84 -18.21
N THR A 107 7.97 -18.64 -17.38
CA THR A 107 7.30 -19.40 -16.35
C THR A 107 7.81 -18.99 -14.98
N VAL A 108 7.08 -19.41 -13.96
CA VAL A 108 7.43 -19.15 -12.57
C VAL A 108 7.59 -20.48 -11.85
N ALA A 109 8.74 -20.67 -11.24
CA ALA A 109 9.00 -21.82 -10.38
C ALA A 109 8.84 -21.39 -8.93
N TRP A 110 8.08 -22.17 -8.16
CA TRP A 110 7.76 -21.85 -6.78
C TRP A 110 8.56 -22.77 -5.88
N ARG A 111 9.51 -22.22 -5.13
CA ARG A 111 10.30 -23.01 -4.21
C ARG A 111 9.57 -23.09 -2.87
N GLN A 112 9.05 -24.27 -2.56
CA GLN A 112 8.36 -24.54 -1.31
C GLN A 112 9.37 -25.08 -0.30
N HIS A 113 8.87 -25.58 0.82
CA HIS A 113 9.73 -26.04 1.91
C HIS A 113 10.77 -27.06 1.43
N ASN A 114 10.31 -28.12 0.75
CA ASN A 114 11.18 -29.23 0.38
C ASN A 114 11.06 -29.63 -1.09
N ARG A 115 10.40 -28.81 -1.91
CA ARG A 115 10.21 -29.13 -3.32
C ARG A 115 10.10 -27.80 -4.08
N THR A 116 10.38 -27.86 -5.39
CA THR A 116 10.17 -26.73 -6.29
C THR A 116 9.12 -27.12 -7.33
N ILE A 117 8.09 -26.30 -7.47
CA ILE A 117 7.04 -26.53 -8.45
C ILE A 117 7.43 -25.76 -9.71
N TYR A 118 7.96 -26.45 -10.70
CA TYR A 118 8.25 -25.84 -11.98
C TYR A 118 6.98 -25.69 -12.80
N GLY A 119 6.91 -24.61 -13.59
CA GLY A 119 5.71 -24.39 -14.38
C GLY A 119 4.49 -24.08 -13.56
N TRP A 120 4.69 -23.59 -12.33
CA TRP A 120 3.56 -23.28 -11.45
C TRP A 120 2.65 -22.25 -12.08
N ALA A 121 3.22 -21.27 -12.78
CA ALA A 121 2.45 -20.22 -13.44
C ALA A 121 3.19 -19.79 -14.69
N ASN A 122 2.44 -19.18 -15.62
CA ASN A 122 3.04 -18.53 -16.78
C ASN A 122 2.81 -17.02 -16.70
N VAL A 123 3.84 -16.27 -17.08
CA VAL A 123 3.76 -14.82 -17.13
C VAL A 123 2.81 -14.36 -18.22
N VAL A 124 1.92 -13.44 -17.86
CA VAL A 124 1.01 -12.77 -18.80
C VAL A 124 1.53 -11.40 -19.20
N ALA A 125 1.99 -10.60 -18.22
CA ALA A 125 2.32 -9.20 -18.45
C ALA A 125 3.14 -8.74 -17.25
N TRP A 126 3.64 -7.50 -17.31
CA TRP A 126 4.60 -7.06 -16.30
C TRP A 126 4.65 -5.55 -16.23
N ASN A 127 5.32 -5.06 -15.18
CA ASN A 127 5.63 -3.64 -15.07
C ASN A 127 6.83 -3.48 -14.15
N SER A 128 7.42 -2.29 -14.18
CA SER A 128 8.62 -2.04 -13.38
C SER A 128 8.79 -0.54 -13.25
N GLU A 129 9.37 -0.13 -12.12
CA GLU A 129 9.64 1.28 -11.91
C GLU A 129 10.90 1.40 -11.05
N GLU A 130 11.77 2.34 -11.42
CA GLU A 130 13.01 2.54 -10.68
C GLU A 130 12.85 3.63 -9.62
N TRP A 131 13.75 3.60 -8.64
CA TRP A 131 13.90 4.70 -7.70
C TRP A 131 15.38 4.80 -7.38
N HIS A 132 16.02 5.86 -7.86
CA HIS A 132 17.48 5.93 -7.77
C HIS A 132 17.95 6.03 -6.33
N THR A 133 19.03 5.30 -6.01
CA THR A 133 19.67 5.40 -4.70
C THR A 133 20.86 6.35 -4.81
N ASN A 134 21.57 6.53 -3.70
CA ASN A 134 22.72 7.42 -3.72
C ASN A 134 24.00 6.72 -4.18
N ALA A 135 23.94 5.45 -4.54
CA ALA A 135 25.13 4.75 -5.01
C ALA A 135 25.62 5.30 -6.34
N GLN A 140 26.66 -0.38 -10.26
CA GLN A 140 25.73 -1.40 -9.76
C GLN A 140 24.28 -1.13 -10.20
N PRO A 141 23.48 -2.19 -10.27
CA PRO A 141 22.11 -2.04 -10.78
C PRO A 141 21.29 -1.09 -9.92
N ILE A 142 20.32 -0.48 -10.55
CA ILE A 142 19.47 0.51 -9.89
C ILE A 142 18.43 -0.22 -9.05
N LEU A 143 18.00 0.41 -7.95
CA LEU A 143 16.89 -0.15 -7.17
C LEU A 143 15.61 -0.02 -7.98
N ARG A 144 14.87 -1.11 -8.07
CA ARG A 144 13.65 -1.17 -8.88
CA ARG A 144 13.67 -1.17 -8.88
C ARG A 144 12.62 -2.03 -8.19
N LEU A 145 11.36 -1.73 -8.47
CA LEU A 145 10.24 -2.58 -8.10
C LEU A 145 9.67 -3.14 -9.40
N THR A 146 9.67 -4.45 -9.55
CA THR A 146 9.23 -5.11 -10.77
C THR A 146 8.18 -6.15 -10.41
N TYR A 147 7.12 -6.23 -11.21
CA TYR A 147 6.12 -7.24 -10.95
C TYR A 147 5.65 -7.89 -12.25
N TRP A 148 5.22 -9.14 -12.13
CA TRP A 148 4.64 -9.89 -13.24
C TRP A 148 3.25 -10.36 -12.84
N LEU A 149 2.28 -10.18 -13.74
CA LEU A 149 0.99 -10.87 -13.65
C LEU A 149 1.18 -12.26 -14.21
N VAL A 150 0.75 -13.27 -13.45
CA VAL A 150 0.95 -14.66 -13.81
C VAL A 150 -0.37 -15.42 -13.72
N LYS A 151 -0.54 -16.39 -14.61
CA LYS A 151 -1.69 -17.29 -14.62
C LYS A 151 -1.24 -18.60 -14.03
N ILE A 152 -1.94 -19.03 -12.97
CA ILE A 152 -1.57 -20.25 -12.25
C ILE A 152 -1.97 -21.46 -13.07
N ASN A 153 -1.07 -22.44 -13.14
CA ASN A 153 -1.30 -23.65 -13.93
C ASN A 153 -1.73 -24.85 -13.13
N VAL A 154 -1.51 -24.86 -11.81
CA VAL A 154 -1.73 -26.07 -11.02
C VAL A 154 -1.98 -25.64 -9.60
N LEU A 155 -2.79 -26.41 -8.87
CA LEU A 155 -2.92 -26.24 -7.43
C LEU A 155 -1.83 -27.07 -6.78
N SER A 156 -0.91 -26.40 -6.08
CA SER A 156 0.21 -27.05 -5.40
C SER A 156 0.22 -26.63 -3.94
N GLU A 157 -0.45 -27.40 -3.09
CA GLU A 157 -0.65 -27.06 -1.67
C GLU A 157 0.70 -26.99 -0.95
N PRO A 158 1.07 -25.85 -0.39
CA PRO A 158 2.35 -25.73 0.31
C PRO A 158 2.23 -26.12 1.77
N GLU A 159 3.37 -26.51 2.31
CA GLU A 159 3.49 -26.82 3.73
C GLU A 159 4.04 -25.61 4.47
N ASP A 160 3.39 -25.24 5.58
CA ASP A 160 3.94 -24.18 6.43
C ASP A 160 5.30 -24.61 6.96
N PHE A 161 6.22 -23.66 7.10
CA PHE A 161 7.57 -24.01 7.56
C PHE A 161 8.28 -22.78 8.09
N ASP A 162 9.26 -23.02 8.96
CA ASP A 162 10.05 -21.96 9.56
C ASP A 162 11.29 -21.71 8.71
N VAL A 163 11.55 -20.45 8.39
CA VAL A 163 12.62 -20.12 7.44
C VAL A 163 13.01 -18.66 7.65
N VAL A 164 14.25 -18.33 7.26
CA VAL A 164 14.68 -16.92 7.29
C VAL A 164 13.77 -16.10 6.39
N GLN A 165 13.28 -14.98 6.92
CA GLN A 165 12.44 -14.05 6.17
C GLN A 165 12.93 -12.63 6.38
N LYS A 166 12.96 -11.86 5.29
CA LYS A 166 13.29 -10.45 5.30
C LYS A 166 12.02 -9.64 5.11
N SER A 167 12.00 -8.45 5.73
N SER A 167 11.99 -8.45 5.72
CA SER A 167 10.88 -7.54 5.60
CA SER A 167 10.85 -7.55 5.62
C SER A 167 11.38 -6.12 5.42
C SER A 167 11.33 -6.10 5.49
N PRO A 168 10.64 -5.30 4.69
CA PRO A 168 10.94 -3.86 4.65
C PRO A 168 10.50 -3.16 5.92
N LEU A 169 11.14 -2.04 6.20
CA LEU A 169 10.83 -1.17 7.34
C LEU A 169 11.60 0.15 7.16
N ALA A 170 11.28 1.14 7.99
CA ALA A 170 12.11 2.33 8.05
C ALA A 170 13.44 1.97 8.72
N TYR A 171 14.47 2.76 8.43
CA TYR A 171 15.79 2.56 9.06
C TYR A 171 15.78 3.27 10.40
N LEU A 172 15.70 2.51 11.48
CA LEU A 172 15.47 3.06 12.81
C LEU A 172 16.71 2.85 13.68
N GLU A 173 17.14 3.91 14.34
CA GLU A 173 18.25 3.87 15.28
C GLU A 173 17.77 4.38 16.61
N ASP A 174 18.58 4.14 17.65
CA ASP A 174 18.21 4.53 19.01
CA ASP A 174 18.22 4.52 19.02
C ASP A 174 16.80 4.07 19.33
N TYR A 175 16.54 2.80 19.04
CA TYR A 175 15.19 2.27 19.00
C TYR A 175 14.69 1.80 20.37
N THR A 176 13.45 2.17 20.68
CA THR A 176 12.59 1.48 21.63
C THR A 176 11.23 1.32 20.96
N THR A 177 10.35 0.53 21.59
CA THR A 177 9.02 0.37 21.01
C THR A 177 8.23 1.68 21.00
N ALA A 178 8.60 2.65 21.84
CA ALA A 178 7.85 3.89 21.92
C ALA A 178 8.37 4.97 20.97
N GLN A 179 9.64 4.94 20.58
CA GLN A 179 10.23 6.04 19.83
C GLN A 179 11.56 5.59 19.25
N SER A 180 11.88 6.08 18.05
CA SER A 180 13.17 5.82 17.45
C SER A 180 13.55 7.02 16.59
N LYS A 181 14.83 7.05 16.21
CA LYS A 181 15.33 8.01 15.24
C LYS A 181 15.22 7.37 13.86
N SER A 182 14.34 7.93 13.04
CA SER A 182 14.03 7.40 11.71
C SER A 182 14.87 8.13 10.67
N ALA A 183 15.69 7.38 9.93
CA ALA A 183 16.50 7.98 8.89
C ALA A 183 15.61 8.61 7.82
N ILE A 184 15.98 9.83 7.39
CA ILE A 184 15.12 10.68 6.56
C ILE A 184 15.00 10.17 5.14
N GLN A 185 16.03 9.49 4.63
CA GLN A 185 16.07 9.12 3.22
C GLN A 185 16.20 7.62 2.99
N LYS A 186 16.00 6.79 4.01
CA LYS A 186 16.37 5.39 3.88
C LYS A 186 15.16 4.46 3.74
N LEU A 187 15.38 3.39 2.99
CA LEU A 187 14.59 2.16 3.04
C LEU A 187 15.47 1.10 3.70
N ASN A 188 14.91 0.33 4.62
CA ASN A 188 15.65 -0.79 5.18
C ASN A 188 14.91 -2.09 4.94
N PHE A 189 15.67 -3.17 4.92
CA PHE A 189 15.15 -4.53 4.89
C PHE A 189 15.97 -5.31 5.90
N GLN A 190 15.30 -6.02 6.80
CA GLN A 190 16.00 -6.76 7.84
C GLN A 190 15.35 -8.12 8.05
N THR A 191 16.04 -8.97 8.80
CA THR A 191 15.45 -10.26 9.16
C THR A 191 14.42 -10.03 10.26
N PHE A 192 13.21 -10.49 10.03
CA PHE A 192 12.18 -10.56 11.07
C PHE A 192 12.16 -12.02 11.55
N GLN A 193 12.40 -12.24 12.84
CA GLN A 193 12.30 -13.58 13.40
C GLN A 193 11.12 -13.65 14.37
N LYS A 194 10.59 -14.86 14.53
CA LYS A 194 9.46 -15.06 15.41
C LYS A 194 9.89 -14.82 16.87
N PRO A 195 8.93 -14.48 17.72
CA PRO A 195 9.28 -14.17 19.12
C PRO A 195 9.98 -15.30 19.86
N GLU A 196 9.72 -16.56 19.50
CA GLU A 196 10.41 -17.68 20.12
C GLU A 196 11.84 -17.86 19.63
N GLY A 197 12.28 -17.03 18.69
CA GLY A 197 13.67 -17.03 18.28
C GLY A 197 14.00 -18.04 17.21
N GLY A 198 15.29 -18.33 17.08
CA GLY A 198 15.77 -19.26 16.09
C GLY A 198 16.21 -18.64 14.78
N GLY A 199 16.07 -17.32 14.63
CA GLY A 199 16.46 -16.61 13.42
C GLY A 199 15.50 -16.74 12.28
N THR A 200 14.38 -17.44 12.47
CA THR A 200 13.45 -17.76 11.41
C THR A 200 12.06 -17.28 11.78
N LEU A 201 11.18 -17.31 10.78
CA LEU A 201 9.79 -16.89 10.90
C LEU A 201 8.99 -17.93 10.14
N ARG A 202 7.80 -18.26 10.65
CA ARG A 202 7.00 -19.27 9.97
C ARG A 202 6.29 -18.67 8.77
N ALA A 203 6.35 -19.36 7.65
CA ALA A 203 5.50 -19.01 6.52
C ALA A 203 4.17 -19.74 6.71
N GLN A 204 3.14 -18.99 7.05
CA GLN A 204 1.80 -19.52 7.26
C GLN A 204 0.97 -19.26 6.01
N TYR A 205 0.75 -20.31 5.24
CA TYR A 205 0.09 -20.15 3.95
C TYR A 205 -1.41 -20.02 4.09
N SER A 206 -1.97 -19.15 3.24
CA SER A 206 -3.40 -18.96 3.07
C SER A 206 -3.92 -20.02 2.11
N THR A 207 -5.21 -19.94 1.76
CA THR A 207 -5.76 -20.73 0.67
C THR A 207 -4.86 -20.60 -0.56
N THR A 208 -4.64 -21.70 -1.26
CA THR A 208 -3.73 -21.72 -2.39
C THR A 208 -4.48 -21.47 -3.70
N PRO A 209 -3.95 -20.64 -4.61
CA PRO A 209 -4.62 -20.48 -5.91
C PRO A 209 -4.60 -21.78 -6.69
N ARG A 210 -5.63 -21.96 -7.50
CA ARG A 210 -5.76 -23.15 -8.32
C ARG A 210 -5.54 -22.78 -9.79
N GLN A 211 -5.55 -23.79 -10.66
CA GLN A 211 -5.39 -23.53 -12.09
C GLN A 211 -6.42 -22.49 -12.56
N GLY A 212 -5.94 -21.53 -13.35
CA GLY A 212 -6.79 -20.50 -13.89
C GLY A 212 -6.95 -19.28 -13.02
N ASP A 213 -6.51 -19.34 -11.77
CA ASP A 213 -6.41 -18.14 -10.95
C ASP A 213 -5.21 -17.32 -11.41
N PHE A 214 -5.13 -16.09 -10.90
CA PHE A 214 -4.05 -15.19 -11.26
C PHE A 214 -3.31 -14.76 -10.01
N ALA A 215 -2.05 -14.40 -10.19
CA ALA A 215 -1.28 -13.85 -9.09
C ALA A 215 -0.38 -12.75 -9.63
N VAL A 216 0.11 -11.93 -8.72
CA VAL A 216 1.13 -10.94 -9.02
C VAL A 216 2.32 -11.27 -8.12
N ILE A 217 3.47 -11.55 -8.75
CA ILE A 217 4.71 -11.72 -8.01
C ILE A 217 5.58 -10.52 -8.28
N TRP A 218 6.36 -10.11 -7.27
CA TRP A 218 7.19 -8.92 -7.44
C TRP A 218 8.52 -9.13 -6.75
N GLN A 219 9.49 -8.33 -7.18
CA GLN A 219 10.74 -8.21 -6.46
C GLN A 219 11.10 -6.72 -6.35
N ILE A 220 11.75 -6.38 -5.25
CA ILE A 220 12.22 -5.02 -5.01
C ILE A 220 13.69 -5.13 -4.61
N GLY A 221 14.51 -4.21 -5.12
CA GLY A 221 15.92 -4.23 -4.84
C GLY A 221 16.72 -3.96 -6.09
N ARG A 222 18.05 -4.05 -5.98
CA ARG A 222 18.89 -3.74 -7.14
C ARG A 222 18.81 -4.84 -8.20
N HIS A 223 18.36 -4.48 -9.39
CA HIS A 223 18.32 -5.42 -10.51
C HIS A 223 18.12 -4.66 -11.81
N ASN A 224 18.35 -5.36 -12.92
CA ASN A 224 18.09 -4.84 -14.26
C ASN A 224 16.76 -5.40 -14.76
N PHE A 225 16.11 -4.67 -15.66
CA PHE A 225 14.84 -5.14 -16.21
C PHE A 225 14.59 -4.45 -17.55
N ASP A 226 14.14 -5.22 -18.53
CA ASP A 226 13.81 -4.71 -19.86
C ASP A 226 12.30 -4.80 -20.06
N MET A 227 11.64 -3.63 -20.05
CA MET A 227 10.19 -3.57 -20.27
C MET A 227 9.74 -4.20 -21.58
N SER A 228 10.62 -4.23 -22.59
CA SER A 228 10.20 -4.75 -23.88
C SER A 228 10.12 -6.27 -23.89
N THR A 229 10.86 -6.96 -23.01
CA THR A 229 10.93 -8.41 -23.05
C THR A 229 10.42 -9.07 -21.79
N GLY A 230 10.21 -8.31 -20.70
CA GLY A 230 9.77 -8.89 -19.45
C GLY A 230 10.83 -9.62 -18.68
N LYS A 231 12.09 -9.45 -19.06
CA LYS A 231 13.20 -10.21 -18.53
C LYS A 231 14.21 -9.28 -17.89
N GLY A 232 14.82 -9.72 -16.81
CA GLY A 232 15.88 -8.98 -16.17
C GLY A 232 16.75 -9.88 -15.34
N THR A 233 17.27 -9.34 -14.26
CA THR A 233 18.07 -10.13 -13.33
C THR A 233 17.33 -10.28 -12.02
N PRO A 234 17.67 -11.30 -11.24
CA PRO A 234 17.06 -11.46 -9.91
C PRO A 234 17.79 -10.59 -8.90
N VAL A 235 17.03 -10.01 -7.98
CA VAL A 235 17.65 -9.36 -6.82
C VAL A 235 18.46 -10.40 -6.06
N GLU A 236 19.70 -10.07 -5.71
CA GLU A 236 20.56 -11.03 -5.01
C GLU A 236 20.31 -11.01 -3.51
N SER A 237 20.33 -9.83 -2.90
CA SER A 237 20.14 -9.68 -1.48
C SER A 237 19.61 -8.27 -1.22
N LEU A 238 19.19 -8.04 0.02
CA LEU A 238 18.60 -6.77 0.41
C LEU A 238 19.35 -6.23 1.62
N SER A 239 19.58 -4.92 1.62
CA SER A 239 20.15 -4.24 2.78
C SER A 239 19.41 -2.93 3.00
N ASP A 240 20.12 -1.84 3.27
CA ASP A 240 19.53 -0.52 3.41
C ASP A 240 19.98 0.36 2.25
N TYR A 241 19.14 1.35 1.91
CA TYR A 241 19.35 2.17 0.72
C TYR A 241 19.01 3.62 1.06
N VAL A 242 19.83 4.53 0.56
CA VAL A 242 19.57 5.96 0.68
C VAL A 242 18.95 6.42 -0.62
N MET A 243 17.76 7.04 -0.53
CA MET A 243 17.04 7.55 -1.70
C MET A 243 17.18 9.06 -1.69
N PRO A 244 18.02 9.66 -2.54
CA PRO A 244 18.32 11.08 -2.36
C PRO A 244 17.24 12.04 -2.82
N GLN A 245 16.32 11.61 -3.68
CA GLN A 245 15.28 12.49 -4.21
C GLN A 245 13.93 11.83 -4.06
N GLN A 246 12.88 12.65 -4.14
CA GLN A 246 11.52 12.13 -4.03
C GLN A 246 11.20 11.23 -5.21
N LYS A 247 10.38 10.22 -4.94
CA LYS A 247 9.84 9.38 -6.00
C LYS A 247 8.34 9.65 -6.12
N ASP A 248 7.92 10.06 -7.30
CA ASP A 248 6.50 10.20 -7.61
C ASP A 248 6.19 9.04 -8.54
N ALA A 249 5.67 7.97 -7.96
CA ALA A 249 5.57 6.68 -8.62
C ALA A 249 4.19 6.51 -9.21
N HIS A 250 4.00 5.40 -9.92
CA HIS A 250 2.68 5.18 -10.48
C HIS A 250 2.31 3.72 -10.69
N ILE A 251 3.19 2.76 -10.42
CA ILE A 251 2.86 1.36 -10.70
C ILE A 251 1.94 0.72 -9.66
N GLY A 252 1.60 1.43 -8.57
CA GLY A 252 0.56 0.97 -7.66
C GLY A 252 0.95 -0.07 -6.63
N MET A 253 2.16 -0.60 -6.69
CA MET A 253 2.61 -1.66 -5.81
C MET A 253 3.52 -1.19 -4.69
N TRP A 254 3.93 0.07 -4.68
CA TRP A 254 5.01 0.49 -3.77
C TRP A 254 4.63 0.36 -2.30
N TYR A 255 3.40 0.75 -1.91
CA TYR A 255 3.06 0.68 -0.48
C TYR A 255 2.86 -0.75 -0.04
N ARG A 256 2.25 -1.57 -0.89
CA ARG A 256 2.13 -3.00 -0.59
C ARG A 256 3.51 -3.64 -0.48
N ALA A 257 4.47 -3.24 -1.33
CA ALA A 257 5.80 -3.83 -1.29
C ALA A 257 6.65 -3.36 -0.11
N LEU A 258 6.37 -2.16 0.43
CA LEU A 258 7.24 -1.59 1.46
C LEU A 258 6.66 -1.64 2.87
N THR A 259 5.39 -2.01 3.04
CA THR A 259 4.82 -1.98 4.38
C THR A 259 5.36 -3.13 5.24
N SER A 260 5.49 -2.88 6.53
CA SER A 260 5.90 -3.96 7.42
C SER A 260 4.72 -4.74 7.94
N VAL A 261 3.52 -4.16 7.92
CA VAL A 261 2.33 -4.76 8.51
C VAL A 261 1.14 -4.44 7.63
N GLY A 262 0.11 -5.29 7.71
CA GLY A 262 -1.12 -5.01 7.02
C GLY A 262 -2.09 -6.16 7.11
N PRO A 263 -3.31 -5.95 6.61
CA PRO A 263 -4.25 -7.06 6.48
C PRO A 263 -3.79 -8.02 5.39
N ARG A 264 -4.23 -9.27 5.51
CA ARG A 264 -3.85 -10.29 4.53
C ARG A 264 -4.30 -9.92 3.12
N THR A 265 -5.46 -9.28 2.99
CA THR A 265 -6.01 -8.92 1.69
C THR A 265 -6.45 -7.46 1.71
N ASP A 266 -6.30 -6.78 0.58
CA ASP A 266 -6.93 -5.49 0.34
C ASP A 266 -6.90 -5.25 -1.17
N VAL A 267 -7.63 -4.22 -1.59
CA VAL A 267 -7.65 -3.83 -3.00
C VAL A 267 -6.30 -3.23 -3.40
N LEU A 268 -5.79 -3.67 -4.56
CA LEU A 268 -4.64 -3.06 -5.21
C LEU A 268 -5.01 -2.71 -6.63
N THR A 269 -4.34 -1.69 -7.17
CA THR A 269 -4.54 -1.23 -8.54
C THR A 269 -3.21 -1.25 -9.27
N LEU A 270 -3.08 -2.16 -10.22
CA LEU A 270 -1.82 -2.39 -10.90
C LEU A 270 -2.03 -2.19 -12.39
N HIS A 271 -0.96 -1.96 -13.13
CA HIS A 271 -1.08 -1.93 -14.57
C HIS A 271 0.12 -2.59 -15.21
N PHE A 272 -0.06 -3.00 -16.45
CA PHE A 272 0.81 -3.99 -17.04
C PHE A 272 1.05 -3.69 -18.49
N HIS A 273 2.29 -3.94 -18.92
CA HIS A 273 2.62 -3.97 -20.32
C HIS A 273 2.34 -5.37 -20.81
N LEU A 274 1.52 -5.47 -21.87
CA LEU A 274 1.11 -6.75 -22.43
C LEU A 274 1.90 -6.97 -23.70
N PRO A 275 2.75 -8.01 -23.78
CA PRO A 275 3.61 -8.28 -24.93
C PRO A 275 2.81 -8.40 -26.22
N MET B 1 -15.01 1.42 -32.97
N MET B 1 -14.91 1.35 -32.96
CA MET B 1 -15.26 2.09 -31.70
CA MET B 1 -15.27 2.16 -31.80
C MET B 1 -14.02 2.81 -31.18
C MET B 1 -14.05 2.82 -31.17
N GLY B 2 -14.16 4.11 -30.90
CA GLY B 2 -13.13 4.86 -30.24
C GLY B 2 -13.35 4.78 -28.76
N PRO B 3 -12.48 5.41 -27.98
CA PRO B 3 -12.56 5.31 -26.53
C PRO B 3 -13.62 6.24 -25.95
N ILE B 4 -14.08 5.89 -24.75
CA ILE B 4 -15.18 6.58 -24.08
C ILE B 4 -14.58 7.70 -23.23
N PRO B 5 -14.95 8.96 -23.46
CA PRO B 5 -14.41 10.04 -22.64
C PRO B 5 -15.11 10.10 -21.29
N PRO B 6 -14.42 10.51 -20.24
CA PRO B 6 -15.07 10.66 -18.93
C PRO B 6 -16.06 11.82 -18.97
N THR B 7 -17.28 11.54 -18.53
CA THR B 7 -18.40 12.47 -18.70
C THR B 7 -19.37 12.28 -17.55
N GLY B 8 -19.84 13.39 -16.98
CA GLY B 8 -20.84 13.39 -15.94
C GLY B 8 -20.30 13.05 -14.57
N VAL B 9 -21.03 13.45 -13.54
CA VAL B 9 -20.66 13.14 -12.15
C VAL B 9 -21.10 11.72 -11.81
N PRO B 10 -20.40 11.03 -10.90
CA PRO B 10 -20.84 9.69 -10.51
C PRO B 10 -22.24 9.72 -9.91
N VAL B 11 -23.03 8.73 -10.28
CA VAL B 11 -24.35 8.52 -9.71
C VAL B 11 -24.23 7.37 -8.72
N GLY B 12 -24.38 7.69 -7.43
CA GLY B 12 -24.27 6.68 -6.40
C GLY B 12 -22.82 6.45 -5.98
N ASP B 13 -22.63 5.38 -5.22
CA ASP B 13 -21.31 5.02 -4.71
C ASP B 13 -20.36 4.83 -5.90
N PHE B 14 -19.11 5.26 -5.74
CA PHE B 14 -18.22 5.35 -6.89
C PHE B 14 -16.78 5.05 -6.49
N PHE B 15 -15.97 4.82 -7.52
CA PHE B 15 -14.54 4.55 -7.37
C PHE B 15 -13.75 5.73 -7.92
N VAL B 16 -12.60 5.98 -7.29
CA VAL B 16 -11.65 6.96 -7.79
C VAL B 16 -10.29 6.30 -7.86
N CYS B 17 -9.64 6.38 -9.02
CA CYS B 17 -8.31 5.84 -9.21
C CYS B 17 -7.39 6.95 -9.67
N GLY B 18 -6.30 7.18 -8.93
CA GLY B 18 -5.38 8.20 -9.41
C GLY B 18 -4.08 8.15 -8.65
N ARG B 19 -3.11 8.89 -9.18
CA ARG B 19 -1.86 9.12 -8.46
C ARG B 19 -2.14 10.09 -7.34
N MET B 20 -1.88 9.69 -6.10
CA MET B 20 -2.25 10.53 -4.98
C MET B 20 -0.99 10.92 -4.22
N THR B 21 -0.79 12.22 -4.07
CA THR B 21 0.46 12.79 -3.55
C THR B 21 0.34 13.05 -2.06
N THR B 22 1.31 12.52 -1.30
CA THR B 22 1.36 12.73 0.15
C THR B 22 1.59 14.20 0.47
N LEU B 23 0.76 14.73 1.39
CA LEU B 23 0.80 16.17 1.70
C LEU B 23 2.14 16.60 2.29
N HIS B 24 2.71 15.82 3.19
CA HIS B 24 4.04 16.14 3.71
C HIS B 24 4.81 14.86 4.01
N MET B 25 6.13 14.95 3.85
CA MET B 25 7.07 13.88 4.14
C MET B 25 7.89 14.23 5.37
N GLY B 26 8.33 13.20 6.11
CA GLY B 26 8.99 13.41 7.39
C GLY B 26 10.46 13.71 7.27
N GLY B 27 10.89 14.87 7.75
CA GLY B 27 12.22 15.31 7.42
C GLY B 27 13.03 15.92 8.56
N GLN B 28 14.10 16.61 8.16
CA GLN B 28 14.93 17.40 9.05
C GLN B 28 15.44 18.55 8.20
N SER B 29 15.47 19.75 8.78
CA SER B 29 15.87 20.93 8.02
C SER B 29 17.16 20.68 7.26
N GLY B 30 17.13 20.93 5.96
CA GLY B 30 18.27 20.76 5.09
C GLY B 30 18.42 19.40 4.45
N ILE B 31 17.54 18.43 4.76
CA ILE B 31 17.63 17.08 4.19
C ILE B 31 16.31 16.82 3.51
N GLN B 32 16.34 16.54 2.21
CA GLN B 32 15.11 16.24 1.47
C GLN B 32 14.46 14.98 2.00
N ALA B 33 13.17 15.06 2.35
CA ALA B 33 12.46 13.99 3.05
C ALA B 33 11.80 13.01 2.07
N THR B 34 12.49 11.92 1.76
CA THR B 34 12.12 11.12 0.59
C THR B 34 11.39 9.81 0.89
N THR B 35 11.43 9.29 2.12
CA THR B 35 10.85 7.97 2.37
C THR B 35 9.84 7.91 3.51
N LEU B 36 9.84 8.86 4.44
CA LEU B 36 8.97 8.75 5.62
C LEU B 36 7.60 9.30 5.26
N VAL B 37 6.76 8.43 4.71
CA VAL B 37 5.50 8.79 4.06
C VAL B 37 4.33 8.85 5.03
N ASN B 38 4.48 8.35 6.26
CA ASN B 38 3.38 8.29 7.22
C ASN B 38 3.77 8.97 8.52
N GLY B 39 4.35 10.15 8.44
CA GLY B 39 4.54 10.95 9.62
C GLY B 39 3.22 11.65 9.92
N MET B 40 2.59 11.29 11.04
CA MET B 40 1.28 11.82 11.40
C MET B 40 1.45 12.80 12.55
N ILE B 41 1.21 14.08 12.26
CA ILE B 41 1.38 15.17 13.23
C ILE B 41 0.45 14.99 14.41
N TYR B 42 1.03 14.96 15.62
CA TYR B 42 0.29 14.69 16.84
C TYR B 42 0.57 15.82 17.83
N ARG B 43 -0.46 16.61 18.14
CA ARG B 43 -0.31 17.80 18.99
CA ARG B 43 -0.31 17.78 19.00
C ARG B 43 -1.45 17.79 20.01
N THR B 44 -1.13 17.52 21.27
CA THR B 44 -2.15 17.52 22.31
C THR B 44 -2.38 18.91 22.89
N ASP B 45 -1.43 19.82 22.72
CA ASP B 45 -1.66 21.21 23.10
C ASP B 45 -2.56 21.84 22.04
N HIS B 46 -3.59 22.51 22.47
CA HIS B 46 -4.42 23.06 21.42
C HIS B 46 -4.36 24.58 21.43
N PRO B 47 -4.63 25.24 20.28
CA PRO B 47 -4.49 26.70 20.24
C PRO B 47 -5.52 27.40 21.13
N SER B 52 -14.00 26.83 16.42
CA SER B 52 -14.28 25.40 16.58
C SER B 52 -13.12 24.69 17.27
N PRO B 53 -13.41 23.63 18.03
CA PRO B 53 -12.33 22.84 18.62
C PRO B 53 -11.63 22.01 17.57
N VAL B 54 -10.39 21.64 17.86
CA VAL B 54 -9.62 20.80 16.93
C VAL B 54 -9.25 19.49 17.61
N SER B 55 -8.96 18.49 16.77
CA SER B 55 -8.51 17.19 17.21
C SER B 55 -7.02 17.25 17.56
N ASN B 56 -6.47 16.08 17.95
CA ASN B 56 -5.04 15.98 18.22
C ASN B 56 -4.21 15.81 16.95
N TRP B 57 -4.85 15.80 15.79
CA TRP B 57 -4.19 15.48 14.52
C TRP B 57 -4.29 16.68 13.58
N GLU B 58 -3.67 16.54 12.40
CA GLU B 58 -3.54 17.68 11.50
C GLU B 58 -4.90 18.18 11.03
N PHE B 59 -5.84 17.29 10.77
CA PHE B 59 -7.13 17.65 10.22
C PHE B 59 -8.23 17.26 11.19
N THR B 60 -9.29 18.06 11.19
CA THR B 60 -10.44 17.84 12.07
C THR B 60 -11.69 17.94 11.20
N VAL B 61 -12.52 16.91 11.27
CA VAL B 61 -13.78 16.91 10.53
C VAL B 61 -14.87 17.42 11.47
N LEU B 62 -15.64 18.40 11.01
CA LEU B 62 -16.56 19.15 11.87
C LEU B 62 -17.97 19.17 11.32
N GLU B 63 -18.96 18.99 12.21
CA GLU B 63 -20.34 19.36 11.95
C GLU B 63 -20.60 20.56 12.85
N ASN B 64 -20.77 21.72 12.24
CA ASN B 64 -20.75 22.99 12.99
C ASN B 64 -19.50 23.05 13.85
N ASN B 65 -19.64 23.05 15.18
CA ASN B 65 -18.49 23.11 16.08
C ASN B 65 -18.23 21.78 16.78
N THR B 66 -18.77 20.69 16.25
CA THR B 66 -18.67 19.37 16.85
C THR B 66 -17.71 18.52 16.04
N ILE B 67 -16.70 17.96 16.70
CA ILE B 67 -15.71 17.11 16.03
C ILE B 67 -16.34 15.75 15.73
N VAL B 68 -16.37 15.38 14.44
CA VAL B 68 -16.93 14.11 14.00
C VAL B 68 -15.88 13.23 13.31
N GLY B 69 -14.60 13.56 13.46
CA GLY B 69 -13.55 12.76 12.86
C GLY B 69 -12.26 13.54 12.88
N ALA B 70 -11.20 12.84 12.52
CA ALA B 70 -9.90 13.49 12.42
C ALA B 70 -9.18 12.94 11.19
N GLY B 71 -8.23 13.73 10.68
CA GLY B 71 -7.37 13.29 9.61
C GLY B 71 -5.94 13.27 10.07
N MET B 72 -5.34 12.07 10.09
CA MET B 72 -3.93 11.96 10.43
CA MET B 72 -3.94 11.88 10.44
C MET B 72 -3.05 11.75 9.21
N GLY B 73 -3.64 11.44 8.06
CA GLY B 73 -2.93 11.40 6.81
C GLY B 73 -3.72 12.15 5.76
N CYS B 74 -3.01 12.59 4.72
CA CYS B 74 -3.62 13.30 3.62
C CYS B 74 -2.84 13.04 2.34
N VAL B 75 -3.56 12.59 1.31
CA VAL B 75 -3.04 12.52 -0.05
C VAL B 75 -3.96 13.36 -0.92
N TRP B 76 -3.43 13.92 -2.00
CA TRP B 76 -4.31 14.76 -2.80
C TRP B 76 -4.03 14.56 -4.28
N PHE B 77 -4.96 15.06 -5.09
CA PHE B 77 -4.87 14.94 -6.55
C PHE B 77 -5.77 16.01 -7.17
N GLN B 78 -5.54 16.29 -8.44
CA GLN B 78 -6.44 17.19 -9.20
C GLN B 78 -7.47 16.32 -9.90
N LYS B 79 -8.58 16.90 -10.28
CA LYS B 79 -9.64 16.11 -10.90
C LYS B 79 -9.26 15.62 -12.29
N SER B 80 -8.37 16.33 -12.98
CA SER B 80 -8.07 16.00 -14.40
C SER B 80 -7.48 14.60 -14.60
N GLU B 81 -6.69 14.10 -13.65
CA GLU B 81 -5.97 12.81 -13.88
C GLU B 81 -6.71 11.67 -13.16
N ALA B 82 -7.67 11.95 -12.31
CA ALA B 82 -8.36 10.88 -11.58
C ALA B 82 -9.35 10.16 -12.49
N LEU B 83 -9.34 8.84 -12.43
CA LEU B 83 -10.37 8.03 -13.06
C LEU B 83 -11.51 7.87 -12.06
N VAL B 84 -12.74 7.99 -12.53
CA VAL B 84 -13.92 7.91 -11.67
C VAL B 84 -14.93 7.00 -12.36
N TRP B 85 -15.45 6.01 -11.65
CA TRP B 85 -16.42 5.13 -12.30
C TRP B 85 -17.42 4.58 -11.31
N THR B 86 -18.53 4.08 -11.85
CA THR B 86 -19.50 3.33 -11.07
C THR B 86 -19.73 1.98 -11.72
N LEU B 87 -20.15 1.01 -10.90
CA LEU B 87 -20.36 -0.36 -11.31
C LEU B 87 -21.80 -0.79 -11.04
N ASP B 88 -22.30 -1.66 -11.90
CA ASP B 88 -23.52 -2.45 -11.70
C ASP B 88 -23.04 -3.90 -11.68
N GLY B 89 -22.76 -4.42 -10.49
CA GLY B 89 -22.08 -5.70 -10.39
C GLY B 89 -20.67 -5.58 -10.93
N GLN B 90 -20.34 -6.36 -11.95
CA GLN B 90 -19.07 -6.22 -12.66
C GLN B 90 -19.18 -5.33 -13.89
N LYS B 91 -20.37 -4.84 -14.20
CA LYS B 91 -20.60 -4.04 -15.40
C LYS B 91 -20.28 -2.59 -15.12
N LEU B 92 -19.67 -1.93 -16.11
CA LEU B 92 -19.35 -0.52 -15.99
C LEU B 92 -20.61 0.31 -16.24
N SER B 93 -21.07 1.05 -15.24
CA SER B 93 -22.27 1.85 -15.41
C SER B 93 -22.01 3.33 -15.63
N GLY B 94 -20.80 3.81 -15.36
CA GLY B 94 -20.47 5.18 -15.61
C GLY B 94 -18.96 5.37 -15.67
N TRP B 95 -18.49 6.19 -16.60
CA TRP B 95 -17.09 6.58 -16.69
C TRP B 95 -17.12 8.09 -16.56
N ASN B 96 -16.81 8.59 -15.36
CA ASN B 96 -17.27 9.90 -14.91
C ASN B 96 -16.10 10.82 -14.59
N THR B 97 -16.45 12.01 -14.12
CA THR B 97 -15.48 12.99 -13.64
C THR B 97 -15.93 13.49 -12.27
N LEU B 98 -14.99 14.06 -11.53
CA LEU B 98 -15.34 14.71 -10.27
C LEU B 98 -15.77 16.16 -10.46
N ASP B 99 -15.64 16.69 -11.68
CA ASP B 99 -16.15 18.01 -12.01
C ASP B 99 -17.61 18.13 -11.63
N GLY B 100 -17.92 19.07 -10.75
CA GLY B 100 -19.30 19.33 -10.39
C GLY B 100 -19.91 18.38 -9.38
N VAL B 101 -19.10 17.53 -8.73
CA VAL B 101 -19.64 16.69 -7.67
C VAL B 101 -20.10 17.56 -6.51
N GLY B 102 -21.21 17.18 -5.90
CA GLY B 102 -21.70 17.93 -4.75
C GLY B 102 -20.91 17.65 -3.50
N THR B 103 -21.07 18.52 -2.52
CA THR B 103 -20.45 18.33 -1.21
C THR B 103 -21.53 18.28 -0.14
N THR B 104 -21.15 17.74 1.01
CA THR B 104 -21.95 17.82 2.22
C THR B 104 -21.60 19.08 3.00
N GLN B 105 -22.30 19.29 4.11
CA GLN B 105 -22.04 20.40 4.99
C GLN B 105 -20.95 20.11 6.02
N LEU B 106 -20.40 18.90 6.03
CA LEU B 106 -19.31 18.62 6.96
C LEU B 106 -18.05 19.31 6.43
N THR B 107 -17.34 19.98 7.32
CA THR B 107 -16.16 20.74 6.94
C THR B 107 -14.91 20.08 7.50
N VAL B 108 -13.76 20.53 6.99
CA VAL B 108 -12.46 20.07 7.47
C VAL B 108 -11.64 21.29 7.84
N ALA B 109 -11.12 21.29 9.07
CA ALA B 109 -10.19 22.31 9.54
C ALA B 109 -8.77 21.75 9.47
N TRP B 110 -7.84 22.56 9.00
CA TRP B 110 -6.44 22.15 8.83
C TRP B 110 -5.61 22.92 9.85
N ARG B 111 -5.06 22.21 10.83
CA ARG B 111 -4.17 22.86 11.80
C ARG B 111 -2.76 22.87 11.25
N GLN B 112 -2.28 24.06 10.88
CA GLN B 112 -0.93 24.24 10.38
C GLN B 112 -0.01 24.60 11.55
N HIS B 113 1.22 25.03 11.24
CA HIS B 113 2.22 25.32 12.25
C HIS B 113 1.69 26.26 13.35
N ASN B 114 1.22 27.45 12.97
CA ASN B 114 0.83 28.46 13.95
C ASN B 114 -0.57 29.01 13.70
N ARG B 115 -1.36 28.34 12.86
CA ARG B 115 -2.70 28.82 12.54
C ARG B 115 -3.54 27.62 12.14
N THR B 116 -4.85 27.79 12.21
CA THR B 116 -5.81 26.78 11.79
C THR B 116 -6.68 27.35 10.67
N ILE B 117 -6.80 26.62 9.58
CA ILE B 117 -7.64 27.00 8.46
C ILE B 117 -8.99 26.30 8.65
N TYR B 118 -9.97 27.04 9.15
CA TYR B 118 -11.32 26.50 9.22
C TYR B 118 -11.98 26.61 7.85
N GLY B 119 -12.85 25.65 7.56
CA GLY B 119 -13.48 25.63 6.26
C GLY B 119 -12.54 25.35 5.12
N TRP B 120 -11.42 24.69 5.40
CA TRP B 120 -10.42 24.44 4.36
C TRP B 120 -11.00 23.57 3.25
N ALA B 121 -11.83 22.58 3.60
CA ALA B 121 -12.46 21.71 2.62
C ALA B 121 -13.82 21.28 3.15
N ASN B 122 -14.63 20.74 2.25
CA ASN B 122 -15.89 20.11 2.63
C ASN B 122 -15.87 18.65 2.23
N VAL B 123 -16.52 17.81 3.04
CA VAL B 123 -16.56 16.38 2.79
C VAL B 123 -17.50 16.07 1.64
N VAL B 124 -17.04 15.21 0.73
CA VAL B 124 -17.83 14.74 -0.40
C VAL B 124 -18.42 13.36 -0.14
N ALA B 125 -17.59 12.42 0.32
CA ALA B 125 -17.95 11.01 0.43
C ALA B 125 -16.93 10.34 1.33
N TRP B 126 -17.12 9.05 1.63
CA TRP B 126 -16.31 8.42 2.66
C TRP B 126 -16.38 6.90 2.57
N ASN B 127 -15.50 6.25 3.34
CA ASN B 127 -15.56 4.81 3.52
C ASN B 127 -14.85 4.49 4.83
N SER B 128 -15.11 3.29 5.35
CA SER B 128 -14.54 2.90 6.63
C SER B 128 -14.58 1.39 6.75
N GLU B 129 -13.66 0.85 7.55
CA GLU B 129 -13.57 -0.59 7.73
C GLU B 129 -12.91 -0.88 9.06
N GLU B 130 -13.46 -1.83 9.79
CA GLU B 130 -12.97 -2.17 11.11
C GLU B 130 -12.05 -3.40 11.04
N TRP B 131 -11.20 -3.51 12.05
CA TRP B 131 -10.42 -4.73 12.24
C TRP B 131 -10.40 -5.01 13.74
N HIS B 132 -11.05 -6.09 14.15
CA HIS B 132 -11.22 -6.36 15.58
C HIS B 132 -9.87 -6.49 16.26
N THR B 133 -9.76 -5.86 17.42
CA THR B 133 -8.55 -5.91 18.22
C THR B 133 -8.92 -6.43 19.59
N ASN B 134 -7.94 -7.00 20.27
CA ASN B 134 -8.12 -7.28 21.69
C ASN B 134 -8.20 -5.96 22.47
N ALA B 135 -8.98 -5.97 23.54
CA ALA B 135 -9.05 -4.82 24.43
C ALA B 135 -9.08 -5.28 25.89
N PRO B 138 -13.20 -3.03 25.97
CA PRO B 138 -14.58 -3.43 26.27
C PRO B 138 -15.55 -2.32 25.86
N HIS B 139 -15.46 -1.18 26.53
CA HIS B 139 -16.07 0.03 26.01
C HIS B 139 -15.21 0.67 24.93
N GLN B 140 -13.95 0.27 24.83
CA GLN B 140 -13.04 0.84 23.85
C GLN B 140 -13.52 0.51 22.45
N PRO B 141 -13.57 1.47 21.53
CA PRO B 141 -13.88 1.15 20.13
C PRO B 141 -12.80 0.26 19.56
N ILE B 142 -13.20 -0.63 18.65
CA ILE B 142 -12.16 -1.40 17.96
C ILE B 142 -11.46 -0.52 16.94
N LEU B 143 -10.32 -1.00 16.49
CA LEU B 143 -9.55 -0.27 15.51
C LEU B 143 -10.30 -0.19 14.19
N ARG B 144 -10.22 0.97 13.56
CA ARG B 144 -10.90 1.23 12.31
CA ARG B 144 -10.91 1.24 12.31
C ARG B 144 -10.02 2.13 11.44
N LEU B 145 -10.16 1.97 10.14
CA LEU B 145 -9.57 2.88 9.17
C LEU B 145 -10.73 3.57 8.47
N THR B 146 -10.78 4.90 8.56
CA THR B 146 -11.82 5.68 7.91
C THR B 146 -11.17 6.72 7.02
N TYR B 147 -11.73 6.92 5.83
CA TYR B 147 -11.25 7.98 4.95
C TYR B 147 -12.41 8.80 4.39
N TRP B 148 -12.12 10.06 4.11
CA TRP B 148 -13.08 10.98 3.50
C TRP B 148 -12.46 11.61 2.27
N LEU B 149 -13.22 11.61 1.18
CA LEU B 149 -12.93 12.46 0.04
C LEU B 149 -13.41 13.87 0.32
N VAL B 150 -12.53 14.85 0.15
CA VAL B 150 -12.86 16.23 0.46
C VAL B 150 -12.51 17.12 -0.72
N LYS B 151 -13.26 18.21 -0.88
CA LYS B 151 -13.04 19.21 -1.91
C LYS B 151 -12.55 20.50 -1.27
N ILE B 152 -11.40 20.99 -1.73
CA ILE B 152 -10.74 22.11 -1.09
C ILE B 152 -11.44 23.42 -1.48
N ASN B 153 -11.62 24.29 -0.49
CA ASN B 153 -12.31 25.56 -0.68
C ASN B 153 -11.38 26.74 -0.86
N VAL B 154 -10.19 26.69 -0.30
CA VAL B 154 -9.33 27.86 -0.25
C VAL B 154 -7.89 27.45 -0.50
N LEU B 155 -7.12 28.36 -1.07
CA LEU B 155 -5.70 28.19 -1.25
C LEU B 155 -5.01 28.57 0.05
N SER B 156 -4.36 27.60 0.69
CA SER B 156 -3.58 27.88 1.88
C SER B 156 -2.21 27.25 1.69
N GLU B 157 -1.16 28.03 1.96
CA GLU B 157 0.19 27.54 1.79
C GLU B 157 0.75 27.23 3.15
N PRO B 158 1.04 25.97 3.46
CA PRO B 158 1.53 25.61 4.80
C PRO B 158 3.02 25.86 4.93
N GLU B 159 3.43 26.17 6.16
CA GLU B 159 4.83 26.32 6.51
C GLU B 159 5.37 25.00 7.04
N ASP B 160 6.57 24.63 6.59
CA ASP B 160 7.25 23.48 7.17
C ASP B 160 7.58 23.77 8.63
N PHE B 161 7.48 22.74 9.48
CA PHE B 161 7.80 22.93 10.89
C PHE B 161 8.10 21.58 11.54
N ASP B 162 8.81 21.65 12.66
CA ASP B 162 9.22 20.46 13.40
C ASP B 162 8.19 20.19 14.47
N VAL B 163 7.73 18.94 14.59
CA VAL B 163 6.61 18.61 15.46
C VAL B 163 6.63 17.12 15.72
N VAL B 164 6.05 16.70 16.86
CA VAL B 164 5.90 15.28 17.14
C VAL B 164 5.08 14.63 16.04
N GLN B 165 5.61 13.52 15.52
CA GLN B 165 4.94 12.74 14.49
C GLN B 165 4.97 11.25 14.86
N LYS B 166 3.82 10.59 14.67
CA LYS B 166 3.67 9.16 14.86
C LYS B 166 3.67 8.46 13.51
N SER B 167 4.18 7.24 13.50
CA SER B 167 4.17 6.41 12.30
C SER B 167 3.83 4.98 12.64
N PRO B 168 3.16 4.26 11.73
CA PRO B 168 2.94 2.82 11.89
C PRO B 168 4.22 2.03 11.62
N LEU B 169 4.27 0.84 12.20
CA LEU B 169 5.38 -0.10 12.02
C LEU B 169 5.00 -1.44 12.65
N ALA B 170 5.80 -2.46 12.37
CA ALA B 170 5.67 -3.72 13.10
C ALA B 170 6.14 -3.51 14.54
N TYR B 171 5.61 -4.32 15.45
CA TYR B 171 6.05 -4.26 16.85
C TYR B 171 7.30 -5.11 16.98
N LEU B 172 8.45 -4.44 17.15
CA LEU B 172 9.75 -5.09 17.09
C LEU B 172 10.43 -5.05 18.45
N GLU B 173 10.93 -6.20 18.89
CA GLU B 173 11.69 -6.32 20.13
C GLU B 173 13.04 -6.93 19.81
N ASP B 174 13.96 -6.90 20.79
CA ASP B 174 15.31 -7.43 20.58
C ASP B 174 15.89 -6.85 19.29
N TYR B 175 15.81 -5.54 19.16
CA TYR B 175 15.98 -4.88 17.86
C TYR B 175 17.43 -4.46 17.61
N THR B 176 17.91 -4.75 16.39
CA THR B 176 19.04 -4.07 15.78
C THR B 176 18.61 -3.72 14.35
N THR B 177 19.42 -2.91 13.66
CA THR B 177 19.08 -2.63 12.27
C THR B 177 19.12 -3.87 11.38
N ALA B 178 19.82 -4.92 11.79
CA ALA B 178 19.93 -6.13 10.97
C ALA B 178 18.84 -7.15 11.24
N GLN B 179 18.25 -7.17 12.44
CA GLN B 179 17.31 -8.23 12.81
C GLN B 179 16.54 -7.82 14.05
N SER B 180 15.29 -8.27 14.11
CA SER B 180 14.47 -8.05 15.31
C SER B 180 13.47 -9.19 15.44
N LYS B 181 12.88 -9.31 16.62
CA LYS B 181 11.75 -10.19 16.86
C LYS B 181 10.47 -9.44 16.58
N SER B 182 9.74 -9.87 15.56
CA SER B 182 8.53 -9.20 15.10
C SER B 182 7.31 -9.89 15.69
N ALA B 183 6.51 -9.14 16.44
CA ALA B 183 5.29 -9.69 17.01
C ALA B 183 4.34 -10.16 15.91
N ILE B 184 3.75 -11.33 16.12
CA ILE B 184 3.01 -12.05 15.08
C ILE B 184 1.65 -11.43 14.80
N GLN B 185 1.06 -10.74 15.77
CA GLN B 185 -0.32 -10.26 15.66
C GLN B 185 -0.46 -8.76 15.86
N LYS B 186 0.63 -8.01 15.90
CA LYS B 186 0.54 -6.62 16.33
C LYS B 186 0.70 -5.62 15.20
N LEU B 187 0.03 -4.49 15.39
CA LEU B 187 0.31 -3.23 14.70
C LEU B 187 0.87 -2.29 15.76
N ASN B 188 1.96 -1.59 15.45
CA ASN B 188 2.47 -0.58 16.37
C ASN B 188 2.42 0.78 15.72
N PHE B 189 2.36 1.81 16.56
CA PHE B 189 2.52 3.19 16.15
C PHE B 189 3.45 3.82 17.18
N GLN B 190 4.51 4.47 16.71
CA GLN B 190 5.50 5.05 17.62
C GLN B 190 5.89 6.43 17.13
N THR B 191 6.56 7.19 17.99
CA THR B 191 7.14 8.45 17.55
C THR B 191 8.37 8.19 16.70
N PHE B 192 8.38 8.78 15.50
CA PHE B 192 9.59 8.81 14.67
C PHE B 192 10.16 10.22 14.85
N GLN B 193 11.38 10.30 15.40
CA GLN B 193 12.04 11.59 15.53
C GLN B 193 13.19 11.68 14.55
N LYS B 194 13.52 12.92 14.17
CA LYS B 194 14.61 13.16 13.23
C LYS B 194 15.95 12.76 13.87
N PRO B 195 16.93 12.40 13.04
CA PRO B 195 18.22 11.93 13.57
C PRO B 195 18.90 12.91 14.52
N GLU B 196 18.72 14.22 14.33
CA GLU B 196 19.35 15.17 15.26
C GLU B 196 18.63 15.23 16.61
N GLY B 197 17.52 14.53 16.77
CA GLY B 197 16.83 14.51 18.04
C GLY B 197 15.82 15.64 18.18
N GLY B 198 15.38 15.83 19.41
CA GLY B 198 14.36 16.81 19.73
C GLY B 198 12.97 16.24 19.94
N GLY B 199 12.79 14.94 19.71
CA GLY B 199 11.49 14.31 19.84
C GLY B 199 10.53 14.60 18.72
N THR B 200 10.94 15.37 17.73
CA THR B 200 10.10 15.88 16.67
C THR B 200 10.66 15.44 15.32
N LEU B 201 9.87 15.68 14.29
CA LEU B 201 10.21 15.35 12.91
C LEU B 201 9.67 16.50 12.07
N ARG B 202 10.40 16.88 11.02
CA ARG B 202 9.95 18.02 10.23
C ARG B 202 8.81 17.58 9.31
N ALA B 203 7.75 18.36 9.27
CA ALA B 203 6.71 18.19 8.26
C ALA B 203 7.15 19.00 7.06
N GLN B 204 7.64 18.31 6.01
CA GLN B 204 8.12 18.97 4.80
C GLN B 204 7.00 18.85 3.76
N TYR B 205 6.28 19.96 3.56
CA TYR B 205 5.16 19.96 2.65
C TYR B 205 5.60 19.96 1.20
N SER B 206 4.82 19.27 0.37
CA SER B 206 5.08 19.31 -1.06
C SER B 206 4.11 20.27 -1.73
N THR B 207 3.79 20.02 -3.00
CA THR B 207 2.73 20.77 -3.65
C THR B 207 1.43 20.58 -2.86
N THR B 208 0.62 21.63 -2.83
CA THR B 208 -0.57 21.59 -1.99
C THR B 208 -1.82 21.86 -2.81
N PRO B 209 -2.95 21.25 -2.46
CA PRO B 209 -4.16 21.42 -3.26
C PRO B 209 -4.67 22.85 -3.19
N ARG B 210 -5.31 23.25 -4.29
CA ARG B 210 -5.89 24.56 -4.46
C ARG B 210 -7.41 24.43 -4.48
N GLN B 211 -8.11 25.56 -4.57
CA GLN B 211 -9.57 25.53 -4.60
C GLN B 211 -10.05 24.65 -5.75
N GLY B 212 -10.96 23.72 -5.44
CA GLY B 212 -11.50 22.80 -6.42
C GLY B 212 -10.71 21.53 -6.59
N ASP B 213 -9.52 21.45 -6.00
CA ASP B 213 -8.81 20.18 -5.96
C ASP B 213 -9.43 19.27 -4.91
N PHE B 214 -9.04 18.00 -4.94
CA PHE B 214 -9.56 17.00 -4.03
C PHE B 214 -8.44 16.39 -3.20
N ALA B 215 -8.80 15.95 -2.02
CA ALA B 215 -7.88 15.25 -1.15
C ALA B 215 -8.62 14.11 -0.49
N VAL B 216 -7.85 13.13 -0.04
CA VAL B 216 -8.37 12.07 0.82
C VAL B 216 -7.65 12.18 2.15
N ILE B 217 -8.42 12.39 3.21
CA ILE B 217 -7.86 12.36 4.56
C ILE B 217 -8.35 11.11 5.25
N TRP B 218 -7.54 10.59 6.15
CA TRP B 218 -7.92 9.36 6.82
C TRP B 218 -7.43 9.38 8.25
N GLN B 219 -8.06 8.54 9.07
CA GLN B 219 -7.52 8.22 10.38
C GLN B 219 -7.59 6.72 10.61
N ILE B 220 -6.64 6.24 11.40
CA ILE B 220 -6.58 4.84 11.79
C ILE B 220 -6.38 4.79 13.30
N GLY B 221 -7.07 3.86 13.94
CA GLY B 221 -6.98 3.73 15.38
C GLY B 221 -8.37 3.51 15.95
N ARG B 222 -8.47 3.54 17.28
CA ARG B 222 -9.74 3.25 17.92
C ARG B 222 -10.69 4.45 17.77
N HIS B 223 -11.79 4.25 17.05
CA HIS B 223 -12.82 5.26 16.90
C HIS B 223 -14.08 4.58 16.39
N ASN B 224 -15.19 5.34 16.51
CA ASN B 224 -16.45 4.84 15.93
C ASN B 224 -16.81 5.67 14.69
N PHE B 225 -17.70 5.12 13.88
CA PHE B 225 -18.02 5.76 12.61
C PHE B 225 -19.37 5.26 12.11
N ASP B 226 -20.16 6.18 11.55
CA ASP B 226 -21.49 5.90 11.01
C ASP B 226 -21.42 6.07 9.48
N MET B 227 -21.41 4.93 8.78
CA MET B 227 -21.39 4.94 7.31
C MET B 227 -22.56 5.71 6.70
N SER B 228 -23.69 5.80 7.40
CA SER B 228 -24.85 6.45 6.79
C SER B 228 -24.71 7.97 6.75
N THR B 229 -23.93 8.55 7.66
CA THR B 229 -23.82 10.00 7.78
C THR B 229 -22.43 10.56 7.54
N GLY B 230 -21.39 9.72 7.53
CA GLY B 230 -20.05 10.24 7.41
C GLY B 230 -19.48 10.82 8.68
N LYS B 231 -20.15 10.64 9.82
CA LYS B 231 -19.73 11.20 11.08
C LYS B 231 -19.33 10.10 12.04
N GLY B 232 -18.31 10.36 12.82
CA GLY B 232 -17.85 9.43 13.84
C GLY B 232 -17.19 10.15 14.98
N THR B 233 -16.13 9.56 15.50
CA THR B 233 -15.35 10.15 16.57
C THR B 233 -13.90 10.26 16.12
N PRO B 234 -13.14 11.19 16.69
CA PRO B 234 -11.72 11.29 16.35
C PRO B 234 -10.90 10.28 17.15
N VAL B 235 -9.88 9.71 16.51
CA VAL B 235 -8.90 8.93 17.26
C VAL B 235 -8.25 9.86 18.28
N GLU B 236 -8.10 9.37 19.52
CA GLU B 236 -7.50 10.20 20.56
C GLU B 236 -5.97 10.10 20.55
N SER B 237 -5.44 8.89 20.54
CA SER B 237 -4.01 8.64 20.59
C SER B 237 -3.77 7.26 20.02
N LEU B 238 -2.50 6.95 19.76
CA LEU B 238 -2.11 5.70 19.13
C LEU B 238 -1.12 4.96 20.03
N SER B 239 -1.25 3.63 20.06
CA SER B 239 -0.30 2.77 20.75
C SER B 239 -0.10 1.48 19.96
N ASP B 240 0.00 0.34 20.62
CA ASP B 240 0.12 -0.94 19.94
C ASP B 240 -1.15 -1.75 20.12
N TYR B 241 -1.47 -2.58 19.12
CA TYR B 241 -2.73 -3.30 19.07
C TYR B 241 -2.48 -4.75 18.68
N VAL B 242 -3.17 -5.67 19.35
CA VAL B 242 -3.14 -7.09 19.00
C VAL B 242 -4.37 -7.40 18.17
N MET B 243 -4.14 -7.95 16.98
CA MET B 243 -5.20 -8.28 16.03
C MET B 243 -5.34 -9.80 16.03
N PRO B 244 -6.33 -10.36 16.73
CA PRO B 244 -6.33 -11.82 16.94
C PRO B 244 -6.78 -12.62 15.75
N GLN B 245 -7.43 -12.02 14.77
CA GLN B 245 -7.89 -12.77 13.60
C GLN B 245 -7.46 -12.07 12.31
N GLN B 246 -7.43 -12.86 11.24
CA GLN B 246 -7.10 -12.32 9.93
C GLN B 246 -8.10 -11.25 9.52
N LYS B 247 -7.62 -10.31 8.71
CA LYS B 247 -8.48 -9.32 8.04
C LYS B 247 -8.28 -9.45 6.54
N ASP B 248 -9.36 -9.77 5.83
CA ASP B 248 -9.35 -9.71 4.38
C ASP B 248 -10.14 -8.47 4.03
N ALA B 249 -9.42 -7.37 3.86
CA ALA B 249 -10.03 -6.05 3.79
C ALA B 249 -10.54 -5.73 2.37
N HIS B 250 -11.26 -4.61 2.28
CA HIS B 250 -11.94 -4.21 1.05
C HIS B 250 -11.71 -2.75 0.65
N ILE B 251 -11.34 -1.85 1.56
CA ILE B 251 -11.43 -0.41 1.23
C ILE B 251 -10.22 0.19 0.52
N GLY B 252 -9.10 -0.54 0.41
CA GLY B 252 -8.00 -0.12 -0.47
C GLY B 252 -7.00 0.87 0.10
N MET B 253 -7.16 1.29 1.34
CA MET B 253 -6.27 2.23 2.02
C MET B 253 -5.31 1.58 3.00
N TRP B 254 -5.43 0.30 3.27
CA TRP B 254 -4.74 -0.25 4.44
C TRP B 254 -3.23 -0.23 4.29
N TYR B 255 -2.70 -0.59 3.12
CA TYR B 255 -1.25 -0.62 2.98
C TYR B 255 -0.66 0.80 2.96
N ARG B 256 -1.35 1.73 2.29
CA ARG B 256 -0.93 3.12 2.34
C ARG B 256 -0.94 3.65 3.78
N ALA B 257 -1.93 3.24 4.58
CA ALA B 257 -2.04 3.77 5.94
C ALA B 257 -1.07 3.12 6.90
N LEU B 258 -0.57 1.91 6.62
CA LEU B 258 0.22 1.18 7.58
C LEU B 258 1.71 1.12 7.24
N THR B 259 2.12 1.53 6.05
CA THR B 259 3.54 1.44 5.71
C THR B 259 4.37 2.47 6.48
N SER B 260 5.60 2.08 6.82
CA SER B 260 6.50 3.03 7.48
C SER B 260 7.26 3.89 6.48
N VAL B 261 7.42 3.41 5.25
CA VAL B 261 8.23 4.06 4.22
C VAL B 261 7.55 3.90 2.87
N GLY B 262 7.85 4.82 1.97
CA GLY B 262 7.32 4.69 0.63
C GLY B 262 7.56 5.93 -0.19
N PRO B 263 7.28 5.85 -1.49
CA PRO B 263 7.39 7.04 -2.36
C PRO B 263 6.29 8.03 -2.00
N ARG B 264 6.59 9.31 -2.25
CA ARG B 264 5.62 10.36 -1.94
C ARG B 264 4.29 10.18 -2.68
N THR B 265 4.32 9.67 -3.92
CA THR B 265 3.13 9.50 -4.73
C THR B 265 3.11 8.08 -5.28
N ASP B 266 1.91 7.49 -5.35
CA ASP B 266 1.67 6.28 -6.14
C ASP B 266 0.18 6.25 -6.47
N VAL B 267 -0.19 5.32 -7.36
CA VAL B 267 -1.59 5.13 -7.73
C VAL B 267 -2.35 4.37 -6.65
N LEU B 268 -3.56 4.85 -6.33
CA LEU B 268 -4.51 4.20 -5.42
C LEU B 268 -5.90 4.23 -6.08
N THR B 269 -6.69 3.15 -5.91
CA THR B 269 -8.13 3.17 -6.19
C THR B 269 -8.87 3.04 -4.86
N LEU B 270 -9.75 3.99 -4.60
CA LEU B 270 -10.55 4.00 -3.39
C LEU B 270 -12.02 3.96 -3.79
N HIS B 271 -12.88 3.55 -2.86
CA HIS B 271 -14.29 3.46 -3.15
C HIS B 271 -15.03 4.28 -2.12
N PHE B 272 -16.05 5.02 -2.56
CA PHE B 272 -16.67 6.02 -1.72
C PHE B 272 -18.18 5.86 -1.66
N HIS B 273 -18.72 6.06 -0.47
CA HIS B 273 -20.16 6.07 -0.27
C HIS B 273 -20.64 7.50 -0.13
N LEU B 274 -21.78 7.78 -0.72
CA LEU B 274 -22.44 9.07 -0.60
C LEU B 274 -23.40 9.04 0.59
N PRO B 275 -23.82 10.22 1.10
CA PRO B 275 -24.75 10.26 2.24
C PRO B 275 -25.99 9.38 2.08
#